data_8WB8
#
_entry.id   8WB8
#
_cell.length_a   62.416
_cell.length_b   165.240
_cell.length_c   47.928
_cell.angle_alpha   90.00
_cell.angle_beta   90.00
_cell.angle_gamma   90.00
#
_symmetry.space_group_name_H-M   'P 21 21 2'
#
loop_
_entity.id
_entity.type
_entity.pdbx_description
1 polymer 'LPXTG-motif cell wall anchor domain protein'
2 water water
#
_entity_poly.entity_id   1
_entity_poly.type   'polypeptide(L)'
_entity_poly.pdbx_seq_one_letter_code
;MGRDPNSSSETSTETATVTLHKYVFDKSLPSDKIDNSKSQDEINAWLTKNNAEALDGVEFTAYDVTSEYADAYKTATGDK
NESPADAAKTASAAVAKKADALQKTATVVGKQTTANGGLASFANLPLRDANGNYKAYLFAETDAPANITQKAEPFVLAMP
IYGADGKTVQKSINIYPKNVKQSDKKTLNDNRSHHDFTAGEKINYSIETVVPWNIANKKVYTITDNPSKGLIMDADTIQI
EGLASNKYTVKKNADNGFTITIPAANLAAFAGKTLKTTVKGHLSIEDLTLIDTGIPNKATAKVDNEAHHEVKSEEVFTGG
KKFVKVDGSNQSKTLAGAQFQLVIVKNGQVVKYAHGNEKDGYTFDTNNTNVATKTTGENGQFEFAGLKYSESLEAGESYA
VKEVKAPTGYDLLKDPVLFTVTKDSYKTVQAADGQKISNTKKGGFLPLEHHHHHH
;
_entity_poly.pdbx_strand_id   A
#
# COMPACT_ATOMS: atom_id res chain seq x y z
N THR A 13 -6.20 10.24 -48.10
CA THR A 13 -7.40 10.85 -48.72
C THR A 13 -8.66 10.21 -48.13
N GLU A 14 -8.66 8.87 -47.96
CA GLU A 14 -9.76 8.12 -47.36
C GLU A 14 -9.69 8.18 -45.82
N THR A 15 -10.72 8.76 -45.18
CA THR A 15 -10.70 9.05 -43.75
C THR A 15 -12.02 8.67 -43.10
N ALA A 16 -12.02 8.56 -41.76
CA ALA A 16 -13.24 8.35 -41.01
C ALA A 16 -13.44 9.43 -39.95
N THR A 17 -14.71 9.61 -39.55
CA THR A 17 -15.06 10.48 -38.43
C THR A 17 -15.45 9.63 -37.23
N VAL A 18 -14.86 9.96 -36.07
CA VAL A 18 -15.10 9.24 -34.83
C VAL A 18 -15.69 10.19 -33.78
N THR A 19 -16.90 9.85 -33.32
CA THR A 19 -17.61 10.61 -32.29
C THR A 19 -17.65 9.80 -31.02
N LEU A 20 -17.20 10.38 -29.91
CA LEU A 20 -17.33 9.75 -28.60
C LEU A 20 -18.54 10.37 -27.92
N HIS A 21 -19.29 9.52 -27.21
CA HIS A 21 -20.38 9.94 -26.35
C HIS A 21 -20.01 9.74 -24.88
N LYS A 22 -20.14 10.81 -24.06
CA LYS A 22 -19.74 10.81 -22.66
C LYS A 22 -20.98 10.85 -21.76
N TYR A 23 -21.14 9.85 -20.89
CA TYR A 23 -22.25 9.80 -19.94
C TYR A 23 -21.73 9.74 -18.50
N VAL A 24 -22.64 9.78 -17.52
CA VAL A 24 -22.29 9.80 -16.10
C VAL A 24 -23.28 8.96 -15.29
N ALA A 52 -28.47 7.92 -16.20
CA ALA A 52 -27.58 8.32 -17.33
C ALA A 52 -27.86 9.77 -17.73
N GLU A 53 -26.80 10.51 -18.05
CA GLU A 53 -26.88 11.91 -18.48
C GLU A 53 -25.57 12.31 -19.16
N ALA A 54 -25.69 12.95 -20.33
CA ALA A 54 -24.55 13.40 -21.12
C ALA A 54 -23.82 14.53 -20.40
N LEU A 55 -22.50 14.62 -20.58
CA LEU A 55 -21.72 15.63 -19.88
C LEU A 55 -20.93 16.42 -20.90
N ASP A 56 -21.07 17.75 -20.82
CA ASP A 56 -20.30 18.65 -21.66
C ASP A 56 -19.05 19.03 -20.90
N GLY A 57 -18.08 19.64 -21.61
CA GLY A 57 -16.91 20.21 -20.97
C GLY A 57 -15.82 19.19 -20.62
N VAL A 58 -15.97 17.95 -21.10
CA VAL A 58 -14.95 16.93 -20.89
C VAL A 58 -14.05 16.88 -22.13
N GLU A 59 -12.73 17.00 -21.90
CA GLU A 59 -11.75 16.95 -22.97
C GLU A 59 -11.35 15.50 -23.25
N PHE A 60 -11.31 15.14 -24.53
CA PHE A 60 -10.62 13.94 -24.97
C PHE A 60 -9.44 14.28 -25.87
N THR A 61 -8.38 13.49 -25.75
CA THR A 61 -7.21 13.61 -26.60
C THR A 61 -7.02 12.32 -27.38
N ALA A 62 -6.72 12.47 -28.67
CA ALA A 62 -6.47 11.35 -29.56
C ALA A 62 -4.97 11.24 -29.82
N TYR A 63 -4.39 10.09 -29.45
CA TYR A 63 -2.99 9.82 -29.75
C TYR A 63 -2.87 8.77 -30.85
N ASP A 64 -1.82 8.90 -31.68
CA ASP A 64 -1.49 7.92 -32.72
C ASP A 64 -0.67 6.77 -32.12
N VAL A 65 -1.19 5.54 -32.25
CA VAL A 65 -0.57 4.33 -31.70
C VAL A 65 -0.50 3.25 -32.77
N THR A 66 -0.48 3.70 -34.03
CA THR A 66 -0.35 2.83 -35.18
C THR A 66 0.73 1.78 -34.88
N SER A 67 1.96 2.24 -34.57
CA SER A 67 3.12 1.36 -34.37
C SER A 67 2.93 0.46 -33.15
N GLU A 68 2.34 1.00 -32.08
CA GLU A 68 2.20 0.29 -30.82
C GLU A 68 1.16 -0.83 -30.99
N TYR A 69 0.06 -0.52 -31.70
CA TYR A 69 -0.98 -1.50 -31.91
C TYR A 69 -0.43 -2.63 -32.77
N ALA A 70 0.27 -2.29 -33.87
CA ALA A 70 0.80 -3.30 -34.78
C ALA A 70 1.60 -4.35 -34.01
N ASP A 71 2.45 -3.92 -33.08
CA ASP A 71 3.36 -4.81 -32.36
C ASP A 71 2.56 -5.69 -31.41
N ALA A 72 1.53 -5.12 -30.81
CA ALA A 72 0.65 -5.88 -29.95
C ALA A 72 -0.05 -6.97 -30.76
N TYR A 73 -0.48 -6.60 -31.99
CA TYR A 73 -1.22 -7.48 -32.87
C TYR A 73 -0.34 -8.65 -33.28
N LYS A 74 0.92 -8.38 -33.65
CA LYS A 74 1.88 -9.42 -33.98
C LYS A 74 1.96 -10.39 -32.81
N THR A 75 2.12 -9.87 -31.59
CA THR A 75 2.32 -10.74 -30.43
C THR A 75 1.13 -11.69 -30.29
N ALA A 76 -0.07 -11.20 -30.60
CA ALA A 76 -1.30 -11.97 -30.46
C ALA A 76 -1.38 -13.04 -31.54
N THR A 77 -0.84 -12.76 -32.74
CA THR A 77 -0.96 -13.68 -33.86
C THR A 77 0.13 -14.76 -33.81
N GLY A 78 1.27 -14.47 -33.16
CA GLY A 78 2.29 -15.48 -32.92
C GLY A 78 2.83 -16.10 -34.21
N ASP A 79 3.01 -17.43 -34.19
CA ASP A 79 3.51 -18.16 -35.36
C ASP A 79 2.36 -18.90 -36.05
N LYS A 80 1.15 -18.29 -36.06
CA LYS A 80 -0.04 -18.93 -36.60
C LYS A 80 -0.23 -18.49 -38.06
N ASN A 81 -0.98 -19.30 -38.82
CA ASN A 81 -1.15 -19.12 -40.25
C ASN A 81 -2.12 -17.98 -40.58
N GLU A 82 -2.91 -17.59 -39.58
CA GLU A 82 -3.93 -16.57 -39.75
C GLU A 82 -4.14 -15.90 -38.39
N SER A 83 -3.90 -14.58 -38.34
CA SER A 83 -4.18 -13.77 -37.15
C SER A 83 -5.59 -14.12 -36.63
N PRO A 84 -5.77 -14.53 -35.34
CA PRO A 84 -7.08 -14.85 -34.80
C PRO A 84 -8.09 -13.71 -34.80
N ALA A 85 -9.36 -14.04 -34.61
CA ALA A 85 -10.40 -13.03 -34.41
C ALA A 85 -10.14 -12.27 -33.10
N ASP A 86 -9.70 -12.99 -32.05
CA ASP A 86 -9.36 -12.43 -30.75
C ASP A 86 -8.32 -11.32 -30.83
N ALA A 87 -7.56 -11.26 -31.93
CA ALA A 87 -6.30 -10.53 -31.96
C ALA A 87 -6.56 -9.04 -31.87
N ALA A 88 -7.60 -8.56 -32.54
CA ALA A 88 -7.90 -7.13 -32.59
C ALA A 88 -8.21 -6.62 -31.18
N LYS A 89 -9.07 -7.38 -30.48
CA LYS A 89 -9.52 -7.11 -29.13
C LYS A 89 -8.34 -7.17 -28.16
N THR A 90 -7.52 -8.21 -28.29
CA THR A 90 -6.42 -8.48 -27.38
C THR A 90 -5.39 -7.35 -27.45
N ALA A 91 -5.11 -6.89 -28.67
CA ALA A 91 -4.13 -5.84 -28.91
C ALA A 91 -4.65 -4.48 -28.46
N SER A 92 -5.97 -4.23 -28.62
CA SER A 92 -6.63 -3.04 -28.11
C SER A 92 -6.44 -2.92 -26.59
N ALA A 93 -6.76 -4.01 -25.88
CA ALA A 93 -6.61 -4.07 -24.44
C ALA A 93 -5.18 -3.69 -24.06
N ALA A 94 -4.21 -4.40 -24.65
CA ALA A 94 -2.82 -4.26 -24.28
C ALA A 94 -2.38 -2.81 -24.47
N VAL A 95 -2.77 -2.19 -25.58
CA VAL A 95 -2.32 -0.83 -25.83
C VAL A 95 -2.99 0.13 -24.86
N ALA A 96 -4.26 -0.14 -24.54
CA ALA A 96 -5.04 0.69 -23.63
C ALA A 96 -4.43 0.74 -22.23
N LYS A 97 -3.88 -0.40 -21.79
CA LYS A 97 -3.32 -0.53 -20.46
C LYS A 97 -1.98 0.21 -20.37
N LYS A 98 -1.41 0.62 -21.51
CA LYS A 98 -0.18 1.39 -21.53
C LYS A 98 -0.49 2.87 -21.76
N ALA A 99 -1.71 3.28 -21.44
CA ALA A 99 -2.17 4.64 -21.71
C ALA A 99 -1.36 5.66 -20.92
N ASP A 100 -1.17 5.38 -19.62
CA ASP A 100 -0.37 6.26 -18.78
C ASP A 100 0.92 6.63 -19.51
N ALA A 101 1.68 5.61 -19.93
CA ALA A 101 2.97 5.85 -20.55
C ALA A 101 2.80 6.51 -21.92
N LEU A 102 1.78 6.09 -22.68
CA LEU A 102 1.70 6.45 -24.09
C LEU A 102 1.25 7.90 -24.28
N GLN A 103 0.57 8.48 -23.28
CA GLN A 103 0.16 9.89 -23.36
C GLN A 103 1.39 10.80 -23.31
N LYS A 104 2.44 10.33 -22.65
CA LYS A 104 3.63 11.13 -22.47
C LYS A 104 4.57 11.01 -23.67
N THR A 105 4.28 10.15 -24.65
CA THR A 105 5.22 9.90 -25.73
C THR A 105 4.57 9.92 -27.12
N ALA A 106 3.28 9.57 -27.23
CA ALA A 106 2.66 9.33 -28.53
C ALA A 106 2.19 10.65 -29.11
N THR A 107 2.29 10.75 -30.44
CA THR A 107 1.83 11.90 -31.19
C THR A 107 0.34 12.13 -30.93
N VAL A 108 -0.04 13.39 -30.79
CA VAL A 108 -1.44 13.77 -30.61
C VAL A 108 -1.98 14.19 -31.98
N VAL A 109 -3.15 13.66 -32.37
CA VAL A 109 -3.70 13.98 -33.68
C VAL A 109 -4.97 14.81 -33.54
N GLY A 110 -5.50 14.95 -32.32
CA GLY A 110 -6.67 15.78 -32.12
C GLY A 110 -6.99 15.94 -30.64
N LYS A 111 -7.67 17.07 -30.34
CA LYS A 111 -8.23 17.32 -29.03
C LYS A 111 -9.64 17.82 -29.24
N GLN A 112 -10.60 17.25 -28.52
CA GLN A 112 -11.96 17.73 -28.60
C GLN A 112 -12.59 17.72 -27.21
N THR A 113 -13.34 18.79 -26.93
CA THR A 113 -14.16 18.87 -25.72
C THR A 113 -15.59 18.50 -26.10
N THR A 114 -16.26 17.78 -25.19
CA THR A 114 -17.62 17.35 -25.43
C THR A 114 -18.57 18.54 -25.37
N ALA A 115 -19.58 18.52 -26.23
CA ALA A 115 -20.53 19.61 -26.33
C ALA A 115 -21.80 19.08 -26.99
N ASN A 116 -22.90 19.82 -26.83
CA ASN A 116 -24.16 19.54 -27.51
C ASN A 116 -24.69 18.19 -27.04
N GLY A 117 -24.58 17.92 -25.74
CA GLY A 117 -24.98 16.62 -25.21
C GLY A 117 -23.86 15.60 -25.32
N GLY A 118 -22.64 16.03 -24.93
CA GLY A 118 -21.54 15.14 -24.59
C GLY A 118 -20.82 14.56 -25.80
N LEU A 119 -20.91 15.28 -26.93
CA LEU A 119 -20.32 14.82 -28.18
C LEU A 119 -18.93 15.40 -28.37
N ALA A 120 -17.99 14.54 -28.74
CA ALA A 120 -16.64 14.93 -29.16
C ALA A 120 -16.30 14.20 -30.46
N SER A 121 -16.51 14.86 -31.60
CA SER A 121 -16.17 14.30 -32.90
C SER A 121 -14.73 14.63 -33.24
N PHE A 122 -13.99 13.59 -33.61
CA PHE A 122 -12.71 13.73 -34.28
C PHE A 122 -12.92 13.43 -35.75
N ALA A 123 -12.96 14.51 -36.54
CA ALA A 123 -13.28 14.43 -37.95
C ALA A 123 -12.02 14.11 -38.75
N ASN A 124 -12.23 13.42 -39.89
CA ASN A 124 -11.24 13.20 -40.93
C ASN A 124 -9.97 12.55 -40.37
N LEU A 125 -10.18 11.46 -39.61
CA LEU A 125 -9.09 10.61 -39.16
C LEU A 125 -8.70 9.62 -40.27
N PRO A 126 -7.43 9.67 -40.75
CA PRO A 126 -6.90 8.70 -41.70
C PRO A 126 -7.16 7.22 -41.35
N LEU A 127 -7.58 6.42 -42.34
CA LEU A 127 -7.64 4.97 -42.16
C LEU A 127 -6.26 4.36 -42.33
N ARG A 128 -5.45 4.95 -43.22
CA ARG A 128 -4.11 4.46 -43.46
C ARG A 128 -3.09 5.59 -43.34
N ASP A 129 -1.86 5.23 -42.97
CA ASP A 129 -0.71 6.13 -43.09
C ASP A 129 -0.27 6.16 -44.56
N ALA A 130 0.79 6.95 -44.83
CA ALA A 130 1.25 7.17 -46.20
C ALA A 130 1.95 5.95 -46.78
N ASN A 131 2.05 4.85 -46.01
CA ASN A 131 2.65 3.61 -46.50
C ASN A 131 1.62 2.48 -46.58
N GLY A 132 0.33 2.83 -46.49
CA GLY A 132 -0.73 1.87 -46.70
C GLY A 132 -1.03 0.96 -45.50
N ASN A 133 -0.42 1.28 -44.33
CA ASN A 133 -0.69 0.58 -43.08
C ASN A 133 -1.90 1.21 -42.40
N TYR A 134 -2.67 0.38 -41.71
CA TYR A 134 -3.89 0.85 -41.09
C TYR A 134 -3.52 1.51 -39.75
N LYS A 135 -4.26 2.57 -39.45
CA LYS A 135 -3.94 3.40 -38.25
C LYS A 135 -4.65 2.92 -36.99
N ALA A 136 -3.99 3.09 -35.86
CA ALA A 136 -4.63 2.80 -34.56
C ALA A 136 -4.63 4.11 -33.77
N TYR A 137 -5.75 4.41 -33.08
CA TYR A 137 -5.87 5.70 -32.36
C TYR A 137 -6.25 5.47 -30.91
N LEU A 138 -5.50 6.09 -29.98
CA LEU A 138 -5.82 5.98 -28.54
C LEU A 138 -6.63 7.20 -28.12
N PHE A 139 -7.77 6.98 -27.48
CA PHE A 139 -8.63 8.07 -27.02
C PHE A 139 -8.70 8.08 -25.50
N ALA A 140 -8.27 9.19 -24.90
CA ALA A 140 -8.25 9.32 -23.45
C ALA A 140 -8.83 10.67 -22.99
N GLU A 141 -9.56 10.64 -21.88
CA GLU A 141 -10.06 11.85 -21.25
C GLU A 141 -8.90 12.57 -20.59
N THR A 142 -8.63 13.82 -20.97
CA THR A 142 -7.50 14.56 -20.44
C THR A 142 -7.89 15.75 -19.53
N ASP A 143 -9.18 16.11 -19.49
CA ASP A 143 -9.64 17.29 -18.75
C ASP A 143 -11.18 17.24 -18.59
N ALA A 144 -11.75 17.93 -17.59
CA ALA A 144 -13.19 17.80 -17.30
C ALA A 144 -13.73 18.92 -16.38
N GLN A 150 -15.77 10.15 -12.14
CA GLN A 150 -16.08 9.16 -13.22
C GLN A 150 -15.29 9.49 -14.48
N LYS A 151 -14.06 8.98 -14.56
CA LYS A 151 -13.25 9.13 -15.77
C LYS A 151 -13.64 8.07 -16.80
N ALA A 152 -13.67 8.48 -18.07
CA ALA A 152 -13.79 7.54 -19.18
C ALA A 152 -12.59 6.60 -19.25
N GLU A 153 -12.89 5.30 -19.32
CA GLU A 153 -11.91 4.29 -19.66
C GLU A 153 -11.20 4.68 -20.96
N PRO A 154 -9.85 4.75 -21.00
CA PRO A 154 -9.14 4.91 -22.26
C PRO A 154 -9.33 3.67 -23.14
N PHE A 155 -9.36 3.86 -24.46
CA PHE A 155 -9.44 2.71 -25.36
C PHE A 155 -8.88 3.05 -26.73
N VAL A 156 -8.62 1.99 -27.49
CA VAL A 156 -7.93 2.09 -28.75
C VAL A 156 -8.90 1.71 -29.85
N LEU A 157 -8.85 2.46 -30.96
CA LEU A 157 -9.58 2.13 -32.16
C LEU A 157 -8.59 1.89 -33.28
N ALA A 158 -8.62 0.68 -33.84
CA ALA A 158 -7.78 0.31 -34.98
C ALA A 158 -8.63 0.29 -36.25
N MET A 159 -8.16 1.00 -37.28
CA MET A 159 -8.87 1.02 -38.54
C MET A 159 -8.51 -0.24 -39.31
N PRO A 160 -9.33 -0.71 -40.27
CA PRO A 160 -10.68 -0.20 -40.49
C PRO A 160 -11.66 -0.80 -39.50
N ILE A 161 -12.81 -0.14 -39.36
CA ILE A 161 -13.91 -0.72 -38.63
C ILE A 161 -14.99 -1.15 -39.62
N TYR A 162 -15.47 -2.38 -39.45
CA TYR A 162 -16.43 -2.94 -40.38
C TYR A 162 -17.83 -2.81 -39.78
N GLY A 163 -18.83 -2.61 -40.64
CA GLY A 163 -20.23 -2.60 -40.22
C GLY A 163 -20.72 -3.99 -39.83
N ALA A 164 -21.95 -4.04 -39.32
CA ALA A 164 -22.56 -5.28 -38.85
C ALA A 164 -22.68 -6.29 -39.99
N ASP A 165 -22.75 -5.83 -41.24
CA ASP A 165 -22.84 -6.74 -42.39
C ASP A 165 -21.52 -7.50 -42.55
N GLY A 166 -20.40 -6.84 -42.19
CA GLY A 166 -19.12 -7.51 -42.11
C GLY A 166 -18.20 -7.20 -43.30
N LYS A 167 -18.69 -6.42 -44.27
CA LYS A 167 -17.93 -6.16 -45.50
C LYS A 167 -17.74 -4.66 -45.75
N THR A 168 -18.62 -3.81 -45.21
CA THR A 168 -18.57 -2.37 -45.48
C THR A 168 -17.78 -1.63 -44.39
N VAL A 169 -17.02 -0.62 -44.81
CA VAL A 169 -16.18 0.16 -43.93
C VAL A 169 -16.92 1.40 -43.42
N GLN A 170 -16.86 1.62 -42.09
CA GLN A 170 -17.51 2.75 -41.43
C GLN A 170 -16.65 4.01 -41.53
N LYS A 171 -17.29 5.11 -41.94
CA LYS A 171 -16.67 6.44 -41.99
C LYS A 171 -17.10 7.30 -40.79
N SER A 172 -18.34 7.14 -40.31
CA SER A 172 -18.73 7.82 -39.08
C SER A 172 -18.96 6.79 -37.98
N ILE A 173 -17.99 6.76 -37.05
CA ILE A 173 -17.94 5.78 -36.00
C ILE A 173 -18.40 6.45 -34.72
N ASN A 174 -19.19 5.73 -33.92
CA ASN A 174 -19.81 6.27 -32.73
C ASN A 174 -19.51 5.35 -31.54
N ILE A 175 -18.63 5.82 -30.66
CA ILE A 175 -18.19 5.09 -29.50
C ILE A 175 -18.79 5.65 -28.22
N TYR A 176 -19.07 4.74 -27.28
CA TYR A 176 -19.61 5.03 -25.95
C TYR A 176 -18.64 4.51 -24.89
N PRO A 177 -17.53 5.22 -24.58
CA PRO A 177 -16.55 4.75 -23.60
C PRO A 177 -17.05 4.64 -22.16
N LYS A 178 -17.15 3.41 -21.62
CA LYS A 178 -17.57 3.21 -20.25
C LYS A 178 -16.64 3.96 -19.31
N ASN A 179 -17.17 4.33 -18.13
CA ASN A 179 -16.44 5.14 -17.17
C ASN A 179 -15.91 4.29 -16.02
N VAL A 180 -14.73 4.65 -15.52
CA VAL A 180 -14.11 4.03 -14.35
C VAL A 180 -14.78 4.60 -13.10
N LYS A 181 -15.64 3.81 -12.44
CA LYS A 181 -16.31 4.29 -11.23
C LYS A 181 -15.28 4.33 -10.10
N GLN A 182 -14.89 5.56 -9.72
CA GLN A 182 -14.05 5.74 -8.55
C GLN A 182 -14.75 5.09 -7.35
N SER A 183 -14.01 4.28 -6.58
CA SER A 183 -14.50 3.74 -5.33
C SER A 183 -13.51 4.06 -4.22
N ASP A 184 -13.85 3.70 -2.98
CA ASP A 184 -13.08 4.11 -1.82
C ASP A 184 -11.71 3.42 -1.85
N LYS A 185 -10.77 3.95 -1.08
CA LYS A 185 -9.43 3.39 -1.02
C LYS A 185 -8.77 3.74 0.33
N LYS A 186 -8.01 2.80 0.90
CA LYS A 186 -7.08 3.13 1.97
C LYS A 186 -5.67 2.64 1.58
N THR A 187 -4.72 3.56 1.70
CA THR A 187 -3.35 3.36 1.28
C THR A 187 -2.41 3.44 2.48
N LEU A 188 -1.46 2.50 2.59
CA LEU A 188 -0.31 2.66 3.47
C LEU A 188 0.78 3.47 2.75
N ASN A 189 1.21 4.58 3.38
CA ASN A 189 2.18 5.48 2.78
C ASN A 189 3.55 5.11 3.29
N ASP A 190 4.19 4.18 2.57
CA ASP A 190 5.44 3.59 3.00
C ASP A 190 6.13 3.10 1.73
N ASN A 191 7.14 3.85 1.29
CA ASN A 191 7.79 3.61 0.02
C ASN A 191 8.91 2.59 0.22
N ARG A 192 8.52 1.33 0.36
CA ARG A 192 9.40 0.20 0.60
C ARG A 192 8.66 -1.10 0.24
N SER A 193 9.44 -2.14 -0.14
CA SER A 193 8.91 -3.46 -0.47
C SER A 193 8.48 -4.23 0.78
N HIS A 194 8.98 -3.81 1.96
CA HIS A 194 8.74 -4.49 3.22
C HIS A 194 8.05 -3.49 4.15
N HIS A 195 6.97 -3.94 4.81
CA HIS A 195 6.13 -3.05 5.59
C HIS A 195 6.20 -3.41 7.07
N ASP A 196 7.42 -3.22 7.60
CA ASP A 196 7.78 -3.70 8.92
C ASP A 196 8.08 -2.48 9.78
N PHE A 197 7.53 -2.52 11.00
CA PHE A 197 7.69 -1.42 11.95
C PHE A 197 7.99 -1.96 13.35
N THR A 198 8.76 -1.18 14.10
CA THR A 198 8.89 -1.37 15.54
C THR A 198 7.63 -0.86 16.23
N ALA A 199 7.26 -1.49 17.35
CA ALA A 199 6.12 -1.07 18.14
C ALA A 199 6.29 0.37 18.59
N GLY A 200 5.25 1.19 18.38
CA GLY A 200 5.32 2.59 18.75
C GLY A 200 5.59 3.49 17.56
N GLU A 201 6.28 3.00 16.52
CA GLU A 201 6.62 3.80 15.35
C GLU A 201 5.36 4.26 14.64
N LYS A 202 5.41 5.47 14.08
CA LYS A 202 4.28 6.03 13.35
C LYS A 202 4.25 5.46 11.94
N ILE A 203 3.05 5.11 11.49
CA ILE A 203 2.74 4.60 10.16
C ILE A 203 1.77 5.56 9.48
N ASN A 204 2.13 6.06 8.31
CA ASN A 204 1.30 7.03 7.59
C ASN A 204 0.28 6.30 6.73
N TYR A 205 -1.00 6.73 6.83
CA TYR A 205 -2.08 6.22 5.99
C TYR A 205 -2.77 7.38 5.26
N SER A 206 -3.31 7.09 4.07
CA SER A 206 -4.25 7.95 3.36
C SER A 206 -5.56 7.22 3.14
N ILE A 207 -6.66 7.98 3.24
CA ILE A 207 -8.01 7.50 2.96
C ILE A 207 -8.63 8.43 1.93
N GLU A 208 -9.03 7.85 0.80
CA GLU A 208 -9.64 8.56 -0.30
C GLU A 208 -11.04 7.97 -0.48
N THR A 209 -12.06 8.79 -0.18
CA THR A 209 -13.45 8.38 -0.24
C THR A 209 -14.24 9.28 -1.18
N VAL A 210 -15.22 8.65 -1.82
CA VAL A 210 -16.03 9.25 -2.87
C VAL A 210 -17.11 10.11 -2.22
N VAL A 211 -17.23 11.36 -2.69
CA VAL A 211 -18.28 12.28 -2.24
C VAL A 211 -19.32 12.44 -3.35
N PRO A 212 -20.60 12.03 -3.15
CA PRO A 212 -21.58 12.03 -4.25
C PRO A 212 -21.80 13.40 -4.90
N TRP A 213 -22.48 13.41 -6.06
CA TRP A 213 -22.92 14.65 -6.70
C TRP A 213 -24.00 15.34 -5.86
N ASN A 214 -24.98 14.58 -5.35
CA ASN A 214 -26.13 15.13 -4.64
C ASN A 214 -25.87 15.21 -3.13
N ILE A 215 -24.67 15.65 -2.78
CA ILE A 215 -24.22 15.59 -1.40
C ILE A 215 -25.08 16.54 -0.58
N ALA A 216 -25.39 17.72 -1.16
CA ALA A 216 -26.10 18.78 -0.45
C ALA A 216 -27.51 18.34 -0.06
N ASN A 217 -28.04 17.29 -0.71
CA ASN A 217 -29.37 16.79 -0.40
C ASN A 217 -29.35 15.86 0.81
N LYS A 218 -28.16 15.54 1.33
CA LYS A 218 -27.99 14.47 2.31
C LYS A 218 -27.78 15.08 3.69
N LYS A 219 -27.81 14.24 4.73
CA LYS A 219 -27.73 14.69 6.11
C LYS A 219 -26.27 14.67 6.59
N VAL A 220 -25.65 13.49 6.56
CA VAL A 220 -24.37 13.28 7.21
C VAL A 220 -23.47 12.37 6.37
N TYR A 221 -22.16 12.66 6.40
CA TYR A 221 -21.12 11.82 5.80
C TYR A 221 -20.15 11.34 6.87
N THR A 222 -19.84 10.03 6.83
CA THR A 222 -19.24 9.29 7.93
C THR A 222 -18.10 8.42 7.43
N ILE A 223 -16.95 8.48 8.14
CA ILE A 223 -15.78 7.69 7.84
C ILE A 223 -15.34 6.98 9.12
N THR A 224 -15.58 5.66 9.14
CA THR A 224 -15.27 4.83 10.29
C THR A 224 -14.00 4.04 9.97
N ASP A 225 -12.97 4.20 10.82
CA ASP A 225 -11.75 3.42 10.70
C ASP A 225 -11.84 2.24 11.66
N ASN A 226 -11.67 1.03 11.14
CA ASN A 226 -11.64 -0.18 11.95
C ASN A 226 -10.32 -0.91 11.77
N PRO A 227 -9.24 -0.54 12.52
CA PRO A 227 -7.94 -1.21 12.40
C PRO A 227 -7.99 -2.61 13.00
N SER A 228 -7.34 -3.57 12.33
CA SER A 228 -7.22 -4.93 12.83
CA SER A 228 -7.26 -4.92 12.84
C SER A 228 -6.44 -4.95 14.14
N LYS A 229 -6.69 -5.98 14.95
CA LYS A 229 -6.12 -6.12 16.28
C LYS A 229 -4.59 -5.95 16.18
N GLY A 230 -4.04 -5.03 16.98
CA GLY A 230 -2.62 -4.76 16.92
C GLY A 230 -2.28 -3.33 16.48
N LEU A 231 -3.18 -2.70 15.72
CA LEU A 231 -2.97 -1.37 15.19
C LEU A 231 -3.83 -0.37 15.96
N ILE A 232 -3.19 0.73 16.35
CA ILE A 232 -3.82 1.82 17.05
C ILE A 232 -3.78 3.02 16.10
N MET A 233 -4.93 3.65 15.89
CA MET A 233 -4.98 4.82 15.04
C MET A 233 -4.91 6.01 15.96
N ASP A 234 -4.10 7.01 15.60
CA ASP A 234 -3.93 8.22 16.37
C ASP A 234 -4.89 9.30 15.83
N ALA A 235 -6.07 9.40 16.43
CA ALA A 235 -7.11 10.27 15.92
C ALA A 235 -6.71 11.74 15.91
N ASP A 236 -5.82 12.16 16.81
CA ASP A 236 -5.42 13.55 16.91
C ASP A 236 -4.50 13.92 15.74
N THR A 237 -4.12 12.96 14.91
CA THR A 237 -3.26 13.24 13.77
C THR A 237 -4.08 13.41 12.49
N ILE A 238 -5.41 13.39 12.61
CA ILE A 238 -6.28 13.43 11.46
C ILE A 238 -6.25 14.81 10.82
N GLN A 239 -6.03 14.84 9.49
CA GLN A 239 -6.20 16.02 8.65
C GLN A 239 -6.99 15.65 7.40
N ILE A 240 -7.70 16.65 6.88
CA ILE A 240 -8.53 16.45 5.70
C ILE A 240 -8.23 17.56 4.71
N GLU A 241 -7.88 17.12 3.49
CA GLU A 241 -7.57 17.99 2.35
C GLU A 241 -8.73 18.95 2.08
N GLY A 242 -8.48 20.27 2.29
CA GLY A 242 -9.37 21.33 1.82
C GLY A 242 -10.63 21.48 2.67
N LEU A 243 -10.51 21.25 3.99
CA LEU A 243 -11.65 21.20 4.89
C LEU A 243 -11.16 21.49 6.30
N ALA A 244 -11.59 22.65 6.82
CA ALA A 244 -11.16 23.16 8.12
C ALA A 244 -11.57 22.18 9.20
N SER A 245 -10.75 22.10 10.26
CA SER A 245 -10.97 21.20 11.37
C SER A 245 -12.27 21.53 12.08
N ASN A 246 -12.73 22.76 11.92
CA ASN A 246 -13.92 23.21 12.62
C ASN A 246 -15.20 22.83 11.86
N LYS A 247 -15.10 21.98 10.83
CA LYS A 247 -16.25 21.62 10.03
C LYS A 247 -16.63 20.16 10.20
N TYR A 248 -15.99 19.44 11.13
CA TYR A 248 -16.29 18.04 11.35
C TYR A 248 -15.92 17.68 12.78
N THR A 249 -16.47 16.53 13.20
CA THR A 249 -16.32 15.95 14.52
C THR A 249 -15.58 14.61 14.40
N VAL A 250 -14.78 14.27 15.41
CA VAL A 250 -14.03 13.02 15.44
C VAL A 250 -14.29 12.36 16.78
N LYS A 251 -14.63 11.07 16.76
CA LYS A 251 -14.83 10.31 17.98
C LYS A 251 -13.76 9.21 17.98
N LYS A 252 -13.19 8.92 19.17
CA LYS A 252 -12.30 7.77 19.33
C LYS A 252 -13.15 6.57 19.73
N ASN A 253 -13.01 5.47 19.01
CA ASN A 253 -13.83 4.29 19.22
C ASN A 253 -13.03 3.24 19.99
N ALA A 254 -13.76 2.22 20.47
CA ALA A 254 -13.22 1.27 21.43
C ALA A 254 -12.56 0.08 20.75
N ASP A 255 -12.32 0.16 19.43
CA ASP A 255 -11.49 -0.83 18.73
C ASP A 255 -10.18 -0.17 18.29
N ASN A 256 -9.86 0.97 18.92
CA ASN A 256 -8.67 1.78 18.65
C ASN A 256 -8.75 2.50 17.29
N GLY A 257 -9.93 2.44 16.66
CA GLY A 257 -10.21 3.25 15.49
C GLY A 257 -10.93 4.54 15.86
N PHE A 258 -11.67 5.10 14.89
CA PHE A 258 -12.34 6.37 15.05
C PHE A 258 -13.42 6.54 14.00
N THR A 259 -14.36 7.45 14.30
CA THR A 259 -15.41 7.85 13.37
C THR A 259 -15.29 9.35 13.15
N ILE A 260 -15.16 9.74 11.89
CA ILE A 260 -15.32 11.14 11.53
C ILE A 260 -16.77 11.36 11.11
N THR A 261 -17.37 12.48 11.56
CA THR A 261 -18.73 12.85 11.23
C THR A 261 -18.73 14.25 10.64
N ILE A 262 -19.29 14.38 9.43
CA ILE A 262 -19.31 15.62 8.68
C ILE A 262 -20.76 15.89 8.32
N PRO A 263 -21.31 17.07 8.66
CA PRO A 263 -22.65 17.43 8.18
C PRO A 263 -22.52 17.66 6.68
N ALA A 264 -23.48 17.11 5.93
CA ALA A 264 -23.41 17.02 4.48
C ALA A 264 -23.17 18.38 3.80
N ALA A 265 -23.75 19.45 4.34
CA ALA A 265 -23.61 20.79 3.79
C ALA A 265 -22.15 21.25 3.77
N ASN A 266 -21.31 20.67 4.62
CA ASN A 266 -19.94 21.13 4.69
C ASN A 266 -19.15 20.50 3.55
N LEU A 267 -19.77 19.54 2.85
CA LEU A 267 -19.14 18.83 1.74
C LEU A 267 -19.69 19.24 0.39
N ALA A 268 -20.29 20.44 0.29
CA ALA A 268 -20.93 20.88 -0.94
C ALA A 268 -19.92 21.10 -2.06
N ALA A 269 -18.83 21.85 -1.81
CA ALA A 269 -17.74 22.06 -2.77
C ALA A 269 -16.98 20.77 -3.13
N PHE A 270 -17.39 19.63 -2.55
CA PHE A 270 -16.75 18.33 -2.75
C PHE A 270 -17.65 17.38 -3.53
N ALA A 271 -18.73 17.92 -4.12
CA ALA A 271 -19.68 17.11 -4.86
C ALA A 271 -18.99 16.55 -6.10
N GLY A 272 -19.04 15.22 -6.25
CA GLY A 272 -18.41 14.53 -7.37
C GLY A 272 -16.90 14.34 -7.21
N LYS A 273 -16.36 14.63 -6.03
CA LYS A 273 -14.91 14.61 -5.83
C LYS A 273 -14.51 13.47 -4.88
N THR A 274 -13.20 13.26 -4.79
CA THR A 274 -12.61 12.38 -3.78
C THR A 274 -12.18 13.23 -2.58
N LEU A 275 -12.52 12.78 -1.37
CA LEU A 275 -12.10 13.46 -0.15
C LEU A 275 -10.90 12.73 0.45
N LYS A 276 -9.76 13.43 0.54
CA LYS A 276 -8.53 12.81 1.03
C LYS A 276 -8.32 13.10 2.51
N THR A 277 -8.17 12.03 3.29
CA THR A 277 -7.92 12.10 4.72
C THR A 277 -6.59 11.41 5.03
N THR A 278 -5.63 12.13 5.65
CA THR A 278 -4.42 11.52 6.15
C THR A 278 -4.49 11.30 7.68
N VAL A 279 -3.98 10.15 8.14
CA VAL A 279 -3.94 9.84 9.57
C VAL A 279 -2.76 8.92 9.87
N LYS A 280 -2.23 9.04 11.10
CA LYS A 280 -1.15 8.18 11.55
C LYS A 280 -1.70 7.11 12.49
N GLY A 281 -1.00 5.97 12.51
CA GLY A 281 -1.24 4.89 13.46
C GLY A 281 0.06 4.28 13.98
N HIS A 282 -0.06 3.36 14.93
CA HIS A 282 1.11 2.67 15.43
C HIS A 282 0.70 1.28 15.91
N LEU A 283 1.69 0.38 16.01
CA LEU A 283 1.46 -0.97 16.50
C LEU A 283 1.68 -1.04 18.01
N SER A 284 0.74 -1.73 18.67
CA SER A 284 0.79 -1.99 20.09
C SER A 284 0.34 -3.43 20.31
N ILE A 285 1.26 -4.32 20.74
CA ILE A 285 1.04 -5.75 20.76
C ILE A 285 0.80 -6.20 22.21
N GLU A 286 -0.41 -6.75 22.45
CA GLU A 286 -0.79 -7.36 23.72
C GLU A 286 -0.95 -8.88 23.55
N ASP A 287 -1.10 -9.36 22.32
CA ASP A 287 -1.15 -10.78 22.01
C ASP A 287 0.02 -11.10 21.10
N LEU A 288 0.95 -11.92 21.59
CA LEU A 288 2.23 -12.21 20.93
C LEU A 288 2.04 -13.03 19.66
N THR A 289 0.90 -13.73 19.53
CA THR A 289 0.55 -14.44 18.29
C THR A 289 0.32 -13.46 17.13
N LEU A 290 0.30 -12.15 17.39
CA LEU A 290 0.20 -11.16 16.34
C LEU A 290 1.57 -10.86 15.73
N ILE A 291 2.65 -11.27 16.39
CA ILE A 291 3.98 -11.06 15.85
C ILE A 291 4.11 -11.84 14.53
N ASP A 292 4.74 -11.23 13.53
CA ASP A 292 4.92 -11.86 12.23
C ASP A 292 3.58 -12.20 11.57
N THR A 293 2.52 -11.44 11.83
CA THR A 293 1.28 -11.56 11.07
C THR A 293 0.93 -10.20 10.49
N GLY A 294 0.29 -10.23 9.31
CA GLY A 294 -0.10 -9.03 8.59
C GLY A 294 -1.21 -8.28 9.34
N ILE A 295 -1.01 -6.97 9.54
CA ILE A 295 -1.99 -6.17 10.27
C ILE A 295 -2.53 -5.10 9.33
N PRO A 296 -3.73 -5.31 8.73
CA PRO A 296 -4.34 -4.32 7.86
C PRO A 296 -5.08 -3.25 8.65
N ASN A 297 -5.15 -2.04 8.08
CA ASN A 297 -6.09 -1.02 8.50
C ASN A 297 -7.31 -1.03 7.57
N LYS A 298 -8.50 -0.74 8.13
CA LYS A 298 -9.72 -0.76 7.35
C LYS A 298 -10.54 0.51 7.59
N ALA A 299 -11.47 0.78 6.67
CA ALA A 299 -12.27 1.99 6.73
C ALA A 299 -13.52 1.85 5.86
N THR A 300 -14.63 2.41 6.35
CA THR A 300 -15.91 2.44 5.65
C THR A 300 -16.42 3.89 5.62
N ALA A 301 -16.73 4.37 4.41
CA ALA A 301 -17.44 5.63 4.24
C ALA A 301 -18.95 5.35 4.25
N LYS A 302 -19.73 6.31 4.75
CA LYS A 302 -21.16 6.15 4.85
C LYS A 302 -21.87 7.49 4.59
N VAL A 303 -22.93 7.46 3.76
CA VAL A 303 -23.75 8.62 3.47
C VAL A 303 -25.14 8.34 4.02
N ASP A 304 -25.59 9.14 4.99
CA ASP A 304 -26.80 8.84 5.72
C ASP A 304 -26.74 7.39 6.18
N ASN A 305 -27.50 6.50 5.52
CA ASN A 305 -27.64 5.12 5.94
C ASN A 305 -26.82 4.19 5.04
N GLU A 306 -26.43 4.63 3.83
CA GLU A 306 -25.89 3.75 2.80
C GLU A 306 -24.37 3.66 2.90
N ALA A 307 -23.86 2.49 3.33
CA ALA A 307 -22.43 2.25 3.44
C ALA A 307 -21.82 2.18 2.04
N HIS A 308 -20.55 2.57 1.92
CA HIS A 308 -19.71 2.25 0.77
C HIS A 308 -19.04 0.89 0.99
N HIS A 309 -18.38 0.36 -0.05
CA HIS A 309 -17.61 -0.87 0.12
C HIS A 309 -16.46 -0.54 1.06
N GLU A 310 -16.38 -1.29 2.17
CA GLU A 310 -15.24 -1.22 3.08
C GLU A 310 -13.95 -1.37 2.26
N VAL A 311 -12.90 -0.65 2.65
CA VAL A 311 -11.60 -0.74 2.01
C VAL A 311 -10.55 -1.09 3.06
N LYS A 312 -9.34 -1.46 2.58
CA LYS A 312 -8.31 -2.10 3.37
C LYS A 312 -6.95 -1.63 2.85
N SER A 313 -5.97 -1.43 3.75
CA SER A 313 -4.61 -1.05 3.37
C SER A 313 -3.74 -2.29 3.17
N GLU A 314 -2.52 -2.07 2.64
CA GLU A 314 -1.44 -3.05 2.74
C GLU A 314 -1.25 -3.41 4.22
N GLU A 315 -0.96 -4.70 4.48
CA GLU A 315 -0.71 -5.20 5.82
C GLU A 315 0.63 -4.65 6.33
N VAL A 316 0.70 -4.30 7.62
CA VAL A 316 1.98 -4.05 8.26
C VAL A 316 2.35 -5.26 9.09
N PHE A 317 3.64 -5.32 9.45
CA PHE A 317 4.21 -6.45 10.19
C PHE A 317 5.15 -5.94 11.27
N THR A 318 5.28 -6.72 12.34
CA THR A 318 6.36 -6.54 13.28
C THR A 318 6.96 -7.90 13.67
N GLY A 319 8.27 -7.90 13.93
CA GLY A 319 9.01 -9.12 14.13
C GLY A 319 9.55 -9.22 15.54
N GLY A 320 10.41 -10.22 15.75
CA GLY A 320 10.91 -10.54 17.08
C GLY A 320 12.01 -11.58 17.00
N LYS A 321 12.55 -11.93 18.18
CA LYS A 321 13.64 -12.92 18.27
C LYS A 321 13.57 -13.62 19.62
N LYS A 322 13.77 -14.94 19.61
CA LYS A 322 13.82 -15.74 20.83
C LYS A 322 15.23 -16.28 21.08
N PHE A 323 15.63 -16.31 22.36
CA PHE A 323 16.97 -16.72 22.76
C PHE A 323 16.91 -17.72 23.90
N VAL A 324 17.97 -18.53 24.04
CA VAL A 324 18.10 -19.51 25.10
C VAL A 324 19.52 -19.46 25.64
N LYS A 325 19.62 -19.29 26.96
CA LYS A 325 20.87 -19.21 27.67
C LYS A 325 21.36 -20.61 28.11
N VAL A 326 22.50 -21.05 27.56
CA VAL A 326 22.99 -22.39 27.77
C VAL A 326 24.45 -22.37 28.26
N ASP A 327 24.89 -23.53 28.80
CA ASP A 327 26.29 -23.82 29.10
C ASP A 327 27.01 -24.10 27.80
N GLY A 328 28.04 -23.29 27.53
CA GLY A 328 28.87 -23.41 26.34
C GLY A 328 29.42 -24.82 26.15
N SER A 329 29.69 -25.54 27.24
CA SER A 329 30.30 -26.86 27.16
C SER A 329 29.23 -27.96 27.15
N ASN A 330 27.96 -27.60 27.42
CA ASN A 330 26.91 -28.58 27.62
C ASN A 330 25.56 -27.89 27.38
N GLN A 331 25.13 -27.91 26.10
CA GLN A 331 24.13 -26.97 25.62
C GLN A 331 22.70 -27.44 25.87
N SER A 332 22.52 -28.69 26.29
CA SER A 332 21.25 -29.17 26.85
C SER A 332 20.95 -28.52 28.21
N LYS A 333 21.97 -28.00 28.91
CA LYS A 333 21.77 -27.32 30.18
C LYS A 333 21.44 -25.86 29.98
N THR A 334 20.25 -25.46 30.47
CA THR A 334 19.78 -24.09 30.36
C THR A 334 19.91 -23.44 31.74
N LEU A 335 20.12 -22.11 31.73
CA LEU A 335 20.57 -21.37 32.91
C LEU A 335 19.61 -20.24 33.26
N ALA A 336 19.28 -20.14 34.55
CA ALA A 336 18.44 -19.11 35.12
C ALA A 336 19.32 -17.98 35.63
N GLY A 337 18.71 -16.81 35.86
CA GLY A 337 19.34 -15.67 36.49
C GLY A 337 20.18 -14.78 35.56
N ALA A 338 20.07 -14.95 34.24
CA ALA A 338 20.83 -14.11 33.35
C ALA A 338 19.95 -12.95 32.90
N GLN A 339 20.51 -11.72 32.94
CA GLN A 339 19.83 -10.53 32.49
C GLN A 339 20.49 -10.01 31.23
N PHE A 340 19.63 -9.78 30.22
CA PHE A 340 20.01 -9.25 28.93
C PHE A 340 19.21 -7.98 28.64
N GLN A 341 19.94 -6.95 28.16
CA GLN A 341 19.40 -5.72 27.61
C GLN A 341 19.29 -5.81 26.09
N LEU A 342 18.29 -5.13 25.52
CA LEU A 342 18.19 -4.98 24.08
C LEU A 342 18.89 -3.69 23.66
N VAL A 343 19.82 -3.79 22.71
CA VAL A 343 20.64 -2.67 22.33
C VAL A 343 20.84 -2.72 20.82
N ILE A 344 21.44 -1.64 20.30
CA ILE A 344 21.87 -1.55 18.91
C ILE A 344 23.38 -1.41 18.90
N VAL A 345 24.02 -2.15 17.99
CA VAL A 345 25.47 -2.14 17.87
C VAL A 345 25.85 -1.68 16.45
N LYS A 346 26.87 -0.82 16.38
CA LYS A 346 27.49 -0.45 15.11
C LYS A 346 29.01 -0.45 15.31
N ASN A 347 29.75 -1.03 14.35
CA ASN A 347 31.20 -1.16 14.45
C ASN A 347 31.66 -1.85 15.73
N GLY A 348 30.87 -2.81 16.25
CA GLY A 348 31.23 -3.51 17.47
C GLY A 348 30.94 -2.75 18.77
N GLN A 349 30.52 -1.48 18.71
CA GLN A 349 30.20 -0.70 19.90
C GLN A 349 28.69 -0.63 20.10
N VAL A 350 28.26 -0.60 21.36
CA VAL A 350 26.86 -0.35 21.67
C VAL A 350 26.65 1.14 21.47
N VAL A 351 25.71 1.50 20.59
CA VAL A 351 25.46 2.87 20.21
C VAL A 351 24.15 3.37 20.83
N LYS A 352 23.19 2.47 21.04
CA LYS A 352 21.89 2.84 21.58
C LYS A 352 21.32 1.73 22.46
N TYR A 353 20.35 2.13 23.29
CA TYR A 353 19.68 1.24 24.21
C TYR A 353 18.20 1.37 23.96
N ALA A 354 17.51 0.22 23.94
CA ALA A 354 16.08 0.19 23.77
C ALA A 354 15.41 0.51 25.10
N HIS A 355 14.27 1.21 25.03
CA HIS A 355 13.41 1.48 26.16
C HIS A 355 11.98 1.08 25.83
N GLY A 356 11.24 0.59 26.82
CA GLY A 356 9.84 0.22 26.65
C GLY A 356 9.70 -1.24 26.23
N ASN A 357 8.61 -1.58 25.54
CA ASN A 357 8.31 -2.95 25.14
C ASN A 357 7.37 -2.94 23.93
N GLU A 358 6.81 -4.11 23.60
CA GLU A 358 5.99 -4.30 22.40
C GLU A 358 4.58 -3.71 22.56
N LYS A 359 4.13 -3.54 23.81
CA LYS A 359 2.82 -2.97 24.08
C LYS A 359 2.91 -1.45 24.09
N ASP A 360 3.78 -0.91 24.96
CA ASP A 360 3.92 0.52 25.15
C ASP A 360 4.74 1.14 24.04
N GLY A 361 5.47 0.29 23.30
CA GLY A 361 6.33 0.76 22.23
C GLY A 361 7.75 1.02 22.71
N TYR A 362 8.67 1.02 21.75
CA TYR A 362 10.08 1.19 22.05
C TYR A 362 10.56 2.55 21.56
N THR A 363 11.52 3.12 22.28
CA THR A 363 12.38 4.17 21.76
C THR A 363 13.84 3.72 21.94
N PHE A 364 14.76 4.34 21.19
CA PHE A 364 16.18 4.06 21.27
C PHE A 364 16.96 5.36 21.41
N ASP A 365 17.88 5.42 22.37
CA ASP A 365 18.71 6.60 22.55
C ASP A 365 20.02 6.15 23.20
N THR A 366 20.78 7.12 23.73
CA THR A 366 22.09 6.87 24.32
C THR A 366 21.98 6.87 25.85
N ASN A 367 20.75 6.86 26.38
CA ASN A 367 20.55 6.77 27.85
C ASN A 367 20.77 5.32 28.30
N ASN A 368 21.74 5.09 29.18
CA ASN A 368 22.10 3.73 29.66
C ASN A 368 21.17 3.30 30.79
N THR A 369 20.17 4.11 31.11
CA THR A 369 19.31 3.77 32.27
C THR A 369 17.96 3.26 31.80
N ASN A 370 17.20 2.65 32.72
CA ASN A 370 15.88 2.13 32.44
C ASN A 370 15.84 1.50 31.04
N VAL A 371 16.60 0.41 30.86
CA VAL A 371 16.75 -0.24 29.57
C VAL A 371 15.83 -1.45 29.51
N ALA A 372 15.33 -1.77 28.31
CA ALA A 372 14.51 -2.95 28.13
C ALA A 372 15.38 -4.18 28.40
N THR A 373 14.96 -4.95 29.41
CA THR A 373 15.80 -5.98 29.94
C THR A 373 14.93 -7.20 30.23
N LYS A 374 15.47 -8.42 30.02
CA LYS A 374 14.78 -9.65 30.38
C LYS A 374 15.65 -10.54 31.28
N THR A 375 14.99 -11.40 32.08
CA THR A 375 15.66 -12.34 32.98
C THR A 375 15.24 -13.77 32.68
N THR A 376 16.23 -14.67 32.57
CA THR A 376 15.97 -16.06 32.22
C THR A 376 15.49 -16.86 33.44
N GLY A 377 14.49 -17.73 33.23
CA GLY A 377 14.16 -18.76 34.20
C GLY A 377 15.02 -20.01 34.04
N GLU A 378 14.55 -21.14 34.57
CA GLU A 378 15.33 -22.37 34.60
C GLU A 378 15.41 -22.98 33.21
N ASN A 379 14.50 -22.56 32.30
CA ASN A 379 14.46 -23.08 30.94
C ASN A 379 15.38 -22.25 30.05
N GLY A 380 15.89 -21.14 30.58
CA GLY A 380 16.91 -20.35 29.91
C GLY A 380 16.35 -19.43 28.83
N GLN A 381 15.02 -19.24 28.78
CA GLN A 381 14.37 -18.57 27.66
C GLN A 381 14.16 -17.08 27.90
N PHE A 382 14.45 -16.27 26.86
CA PHE A 382 13.97 -14.90 26.79
C PHE A 382 13.77 -14.50 25.33
N GLU A 383 13.05 -13.37 25.13
CA GLU A 383 12.68 -12.89 23.80
C GLU A 383 12.46 -11.37 23.79
N PHE A 384 12.73 -10.75 22.65
CA PHE A 384 12.35 -9.35 22.41
C PHE A 384 11.50 -9.35 21.14
N ALA A 385 10.27 -8.84 21.27
CA ALA A 385 9.28 -8.87 20.21
C ALA A 385 8.79 -7.45 19.91
N GLY A 386 8.27 -7.26 18.68
CA GLY A 386 7.76 -5.96 18.25
C GLY A 386 8.88 -5.10 17.69
N LEU A 387 9.78 -5.72 16.91
CA LEU A 387 10.91 -5.06 16.30
C LEU A 387 10.77 -5.17 14.78
N LYS A 388 11.22 -4.12 14.10
CA LYS A 388 11.31 -4.17 12.66
C LYS A 388 12.51 -5.01 12.23
N TYR A 389 12.48 -5.46 10.97
CA TYR A 389 13.51 -6.31 10.41
C TYR A 389 14.85 -5.59 10.47
N SER A 390 15.91 -6.40 10.64
CA SER A 390 17.29 -5.96 10.68
C SER A 390 17.63 -5.11 9.46
N GLU A 391 17.11 -5.46 8.27
CA GLU A 391 17.39 -4.69 7.06
C GLU A 391 16.86 -3.26 7.17
N SER A 392 15.78 -3.06 7.94
CA SER A 392 15.18 -1.74 8.06
C SER A 392 16.04 -0.79 8.91
N LEU A 393 17.11 -1.30 9.55
CA LEU A 393 17.88 -0.48 10.48
C LEU A 393 18.81 0.43 9.69
N GLU A 394 19.41 1.40 10.39
CA GLU A 394 20.32 2.34 9.77
C GLU A 394 21.57 1.58 9.33
N ALA A 395 22.41 2.25 8.52
CA ALA A 395 23.59 1.66 7.91
C ALA A 395 24.58 1.22 8.99
N GLY A 396 25.03 -0.04 8.93
CA GLY A 396 26.01 -0.56 9.86
C GLY A 396 25.42 -1.01 11.20
N GLU A 397 24.12 -0.77 11.43
CA GLU A 397 23.55 -1.11 12.72
C GLU A 397 23.09 -2.57 12.71
N SER A 398 23.06 -3.16 13.90
CA SER A 398 22.55 -4.51 14.13
C SER A 398 21.94 -4.54 15.54
N TYR A 399 20.84 -5.29 15.69
CA TYR A 399 20.32 -5.59 17.01
C TYR A 399 21.34 -6.43 17.79
N ALA A 400 21.25 -6.36 19.13
CA ALA A 400 22.06 -7.19 19.99
C ALA A 400 21.44 -7.30 21.39
N VAL A 401 21.74 -8.40 22.09
CA VAL A 401 21.48 -8.51 23.51
C VAL A 401 22.82 -8.39 24.25
N LYS A 402 22.87 -7.45 25.19
CA LYS A 402 24.01 -7.24 26.06
C LYS A 402 23.69 -7.83 27.43
N GLU A 403 24.53 -8.76 27.88
CA GLU A 403 24.36 -9.37 29.18
C GLU A 403 24.86 -8.41 30.24
N VAL A 404 24.01 -8.16 31.24
CA VAL A 404 24.33 -7.25 32.32
C VAL A 404 24.36 -8.01 33.64
N LYS A 405 23.79 -9.23 33.67
CA LYS A 405 23.86 -10.08 34.85
C LYS A 405 24.10 -11.51 34.36
N ALA A 406 25.20 -12.11 34.85
CA ALA A 406 25.54 -13.47 34.51
C ALA A 406 24.82 -14.42 35.48
N PRO A 407 24.48 -15.65 35.05
CA PRO A 407 24.04 -16.70 35.98
C PRO A 407 25.14 -17.09 36.97
N THR A 408 24.74 -17.42 38.20
CA THR A 408 25.69 -17.66 39.27
C THR A 408 26.70 -18.72 38.81
N GLY A 409 27.99 -18.42 38.96
CA GLY A 409 29.04 -19.36 38.63
C GLY A 409 29.41 -19.36 37.16
N TYR A 410 28.83 -18.47 36.37
CA TYR A 410 29.17 -18.36 34.96
C TYR A 410 29.77 -16.99 34.67
N ASP A 411 30.73 -16.96 33.73
CA ASP A 411 31.37 -15.72 33.33
C ASP A 411 30.34 -14.82 32.68
N LEU A 412 30.51 -13.51 32.92
CA LEU A 412 29.73 -12.49 32.26
C LEU A 412 30.30 -12.30 30.85
N LEU A 413 29.44 -12.39 29.84
CA LEU A 413 29.84 -12.13 28.46
C LEU A 413 30.32 -10.69 28.37
N LYS A 414 31.44 -10.47 27.67
CA LYS A 414 32.05 -9.15 27.58
C LYS A 414 31.52 -8.40 26.36
N ASP A 415 31.16 -9.12 25.29
CA ASP A 415 30.60 -8.53 24.09
C ASP A 415 29.10 -8.80 23.99
N PRO A 416 28.37 -7.88 23.31
CA PRO A 416 26.95 -8.10 23.05
C PRO A 416 26.75 -9.14 21.95
N VAL A 417 25.73 -9.98 22.07
CA VAL A 417 25.50 -11.02 21.08
C VAL A 417 24.60 -10.45 19.96
N LEU A 418 25.13 -10.36 18.73
CA LEU A 418 24.38 -9.88 17.59
C LEU A 418 23.23 -10.84 17.31
N PHE A 419 22.12 -10.31 16.79
CA PHE A 419 21.07 -11.17 16.26
C PHE A 419 20.40 -10.55 15.05
N THR A 420 19.60 -11.37 14.37
CA THR A 420 18.98 -10.98 13.11
C THR A 420 17.46 -11.18 13.19
N VAL A 421 16.70 -10.11 12.90
CA VAL A 421 15.25 -10.18 12.76
C VAL A 421 14.87 -10.16 11.28
N THR A 422 14.02 -11.12 10.90
CA THR A 422 13.47 -11.16 9.56
C THR A 422 11.98 -11.49 9.64
N LYS A 423 11.33 -11.53 8.48
CA LYS A 423 9.99 -12.07 8.42
C LYS A 423 10.01 -13.47 9.03
N ASP A 424 9.01 -13.75 9.86
CA ASP A 424 8.75 -15.10 10.39
C ASP A 424 9.80 -15.53 11.42
N SER A 425 10.78 -14.68 11.76
CA SER A 425 11.91 -15.10 12.58
C SER A 425 11.49 -15.34 14.04
N TYR A 426 10.26 -14.99 14.44
CA TYR A 426 9.83 -15.13 15.82
C TYR A 426 8.83 -16.27 15.95
N LYS A 427 7.77 -16.28 15.13
CA LYS A 427 6.62 -17.13 15.40
C LYS A 427 6.82 -18.54 14.88
N THR A 428 7.76 -18.73 13.95
CA THR A 428 8.04 -20.05 13.39
C THR A 428 9.08 -20.79 14.23
N VAL A 429 9.30 -20.37 15.48
CA VAL A 429 10.34 -20.91 16.32
C VAL A 429 9.79 -21.10 17.74
N GLN A 430 9.79 -22.35 18.23
CA GLN A 430 9.41 -22.60 19.60
C GLN A 430 10.40 -21.92 20.55
N ALA A 431 9.92 -21.49 21.73
CA ALA A 431 10.75 -20.85 22.74
C ALA A 431 12.04 -21.64 22.99
N ALA A 432 11.92 -22.98 23.03
CA ALA A 432 13.04 -23.85 23.38
C ALA A 432 14.11 -23.87 22.28
N ASP A 433 13.72 -23.52 21.03
CA ASP A 433 14.64 -23.57 19.89
C ASP A 433 15.17 -22.18 19.57
N GLY A 434 15.24 -21.30 20.57
CA GLY A 434 15.71 -19.96 20.33
C GLY A 434 17.20 -19.99 20.03
N GLN A 435 17.75 -18.83 19.63
CA GLN A 435 19.17 -18.64 19.39
C GLN A 435 19.90 -19.00 20.69
N LYS A 436 20.79 -20.00 20.60
CA LYS A 436 21.56 -20.43 21.76
C LYS A 436 22.63 -19.37 22.04
N ILE A 437 22.79 -19.05 23.32
CA ILE A 437 23.84 -18.16 23.80
C ILE A 437 24.64 -18.90 24.87
N SER A 438 25.94 -19.04 24.61
CA SER A 438 26.84 -19.87 25.38
C SER A 438 27.51 -19.09 26.50
N ASN A 439 27.51 -19.66 27.71
CA ASN A 439 28.21 -19.10 28.85
C ASN A 439 29.26 -20.11 29.31
N THR A 440 30.37 -19.56 29.79
CA THR A 440 31.52 -20.38 30.23
C THR A 440 31.45 -20.57 31.75
N LYS A 441 31.53 -21.82 32.18
CA LYS A 441 31.47 -22.14 33.64
C LYS A 441 32.72 -21.62 34.35
N LYS A 442 32.50 -20.98 35.49
CA LYS A 442 33.64 -20.53 36.31
C LYS A 442 34.18 -21.78 36.99
N GLY A 443 35.49 -21.95 36.99
CA GLY A 443 36.05 -23.19 37.54
C GLY A 443 36.16 -23.20 39.04
N GLY A 444 36.51 -24.36 39.59
CA GLY A 444 36.69 -24.49 41.04
C GLY A 444 38.08 -24.02 41.47
N PHE A 445 38.26 -23.95 42.79
CA PHE A 445 39.54 -23.54 43.35
C PHE A 445 40.41 -24.77 43.64
N LEU A 446 41.71 -24.61 43.42
CA LEU A 446 42.70 -25.47 44.03
C LEU A 446 43.96 -24.65 44.26
N PRO A 447 44.55 -24.68 45.49
CA PRO A 447 45.78 -23.91 45.80
C PRO A 447 46.95 -24.05 44.81
#